data_2VWQ
#
_entry.id   2VWQ
#
_cell.length_a   61.884
_cell.length_b   111.113
_cell.length_c   152.227
_cell.angle_alpha   90.00
_cell.angle_beta   90.00
_cell.angle_gamma   90.00
#
_symmetry.space_group_name_H-M   'I 2 2 2'
#
loop_
_entity.id
_entity.type
_entity.pdbx_description
1 polymer 'GLUCOSE DEHYDROGENASE'
2 non-polymer 'NADP NICOTINAMIDE-ADENINE-DINUCLEOTIDE PHOSPHATE'
3 non-polymer 'ZINC ION'
4 water water
#
_entity_poly.entity_id   1
_entity_poly.type   'polypeptide(L)'
_entity_poly.pdbx_seq_one_letter_code
;MKAIAVKRGEDRPVVIEKPRPEPESGEALVRTLRVGVDGTDHEVIAGGHGGFPEGEDHLVLGHEAVGVVVDPNDTELEEG
DIVVPTVRRPPASGTNEYFERDQPDMAPDGMYFERGIVGAHGYMSEFFTSPEKYLVRIPRSQAELGFLIEPISITEKALE
HAYASRSAFDWDPSSAFVLGNGSLGLLTLAMLKVDDKGYENLYCLGRRDRPDPTIDIIEELDATYVDSRQTPVEDVPDVY
EQMDFIYEATGFPKHAIQSVQALAPNGVGALLGVPSDWAFEVDAGAFHREMVLHNKALVGSVNSHVEHFEAATVTFTKLP
KWFLEDLVTGVHPLSEFEAAFDDDDTTIKTAIEFSTV
;
_entity_poly.pdbx_strand_id   A
#
loop_
_chem_comp.id
_chem_comp.type
_chem_comp.name
_chem_comp.formula
NAP non-polymer 'NADP NICOTINAMIDE-ADENINE-DINUCLEOTIDE PHOSPHATE' 'C21 H28 N7 O17 P3'
ZN non-polymer 'ZINC ION' 'Zn 2'
#
# COMPACT_ATOMS: atom_id res chain seq x y z
N MET A 1 -6.59 19.72 19.48
CA MET A 1 -5.49 18.77 19.17
C MET A 1 -4.71 19.22 17.94
N LYS A 2 -3.47 18.78 17.83
CA LYS A 2 -2.65 19.03 16.64
C LYS A 2 -2.87 17.99 15.55
N ALA A 3 -2.84 18.45 14.31
CA ALA A 3 -2.99 17.63 13.11
C ALA A 3 -2.01 18.14 12.08
N ILE A 4 -1.63 17.26 11.16
CA ILE A 4 -0.79 17.62 10.03
C ILE A 4 -1.67 17.60 8.79
N ALA A 5 -1.72 18.72 8.09
CA ALA A 5 -2.63 18.95 7.01
C ALA A 5 -1.95 19.68 5.88
N VAL A 6 -2.51 19.52 4.69
CA VAL A 6 -2.23 20.43 3.59
C VAL A 6 -3.43 21.37 3.44
N LYS A 7 -3.15 22.68 3.45
CA LYS A 7 -4.18 23.73 3.28
C LYS A 7 -4.38 24.04 1.81
N ARG A 8 -5.60 24.46 1.45
CA ARG A 8 -5.99 24.68 0.04
C ARG A 8 -5.06 25.67 -0.67
N GLY A 9 -4.56 25.24 -1.84
CA GLY A 9 -3.61 26.00 -2.63
C GLY A 9 -2.30 26.34 -1.92
N GLU A 10 -1.77 25.37 -1.17
CA GLU A 10 -0.49 25.55 -0.47
C GLU A 10 0.47 24.41 -0.83
N ASP A 11 1.77 24.66 -0.68
CA ASP A 11 2.82 23.73 -1.15
C ASP A 11 3.10 22.60 -0.15
N ARG A 12 3.33 22.99 1.10
CA ARG A 12 3.89 22.11 2.12
C ARG A 12 2.83 21.62 3.13
N PRO A 13 3.15 20.57 3.90
CA PRO A 13 2.33 20.17 5.03
C PRO A 13 2.55 21.08 6.24
N VAL A 14 1.50 21.38 6.98
CA VAL A 14 1.65 22.21 8.17
C VAL A 14 0.86 21.64 9.35
N VAL A 15 1.19 22.12 10.55
CA VAL A 15 0.43 21.82 11.74
C VAL A 15 -0.71 22.78 11.83
N ILE A 16 -1.91 22.22 12.07
CA ILE A 16 -3.09 22.99 12.41
C ILE A 16 -3.60 22.47 13.74
N GLU A 17 -4.51 23.23 14.32
CA GLU A 17 -5.15 22.87 15.57
C GLU A 17 -6.61 22.64 15.27
N LYS A 18 -7.17 21.57 15.84
CA LYS A 18 -8.56 21.19 15.65
C LYS A 18 -9.09 20.67 16.96
N PRO A 19 -10.41 20.71 17.16
CA PRO A 19 -10.98 20.11 18.35
C PRO A 19 -10.89 18.57 18.31
N ARG A 20 -10.71 17.98 19.48
CA ARG A 20 -10.73 16.54 19.59
C ARG A 20 -12.11 16.03 19.15
N PRO A 21 -12.16 15.03 18.25
CA PRO A 21 -13.47 14.47 17.89
C PRO A 21 -14.11 13.66 19.03
N GLU A 22 -15.43 13.55 18.95
CA GLU A 22 -16.19 12.77 19.89
C GLU A 22 -16.83 11.65 19.10
N PRO A 23 -16.74 10.43 19.61
CA PRO A 23 -17.31 9.31 18.87
C PRO A 23 -18.82 9.31 18.96
N GLU A 24 -19.45 9.01 17.82
CA GLU A 24 -20.86 8.76 17.75
C GLU A 24 -21.11 7.30 18.10
N SER A 25 -22.37 6.90 18.09
CA SER A 25 -22.72 5.53 18.44
C SER A 25 -22.08 4.58 17.44
N GLY A 26 -21.53 3.49 17.95
CA GLY A 26 -20.82 2.52 17.11
C GLY A 26 -19.36 2.86 16.82
N GLU A 27 -18.88 4.00 17.31
CA GLU A 27 -17.50 4.46 17.08
C GLU A 27 -16.67 4.40 18.35
N ALA A 28 -15.37 4.11 18.20
CA ALA A 28 -14.40 4.26 19.28
C ALA A 28 -13.55 5.53 19.07
N LEU A 29 -13.02 6.09 20.17
CA LEU A 29 -12.03 7.15 20.11
C LEU A 29 -10.65 6.51 20.24
N VAL A 30 -9.77 6.86 19.30
CA VAL A 30 -8.45 6.26 19.23
C VAL A 30 -7.41 7.34 19.39
N ARG A 31 -6.39 7.04 20.20
CA ARG A 31 -5.23 7.88 20.31
C ARG A 31 -4.17 7.37 19.34
N THR A 32 -3.79 8.21 18.41
CA THR A 32 -2.83 7.87 17.36
C THR A 32 -1.46 7.59 17.96
N LEU A 33 -0.83 6.50 17.50
CA LEU A 33 0.55 6.22 17.91
C LEU A 33 1.52 6.68 16.83
N ARG A 34 1.45 6.03 15.67
CA ARG A 34 2.30 6.33 14.52
C ARG A 34 1.52 6.26 13.24
N VAL A 35 1.91 7.09 12.28
CA VAL A 35 1.29 7.14 10.98
C VAL A 35 2.40 7.11 9.94
N GLY A 36 2.28 6.19 8.97
CA GLY A 36 3.27 6.08 7.90
C GLY A 36 3.01 7.09 6.80
N VAL A 37 4.03 7.40 6.01
CA VAL A 37 3.90 8.29 4.85
C VAL A 37 4.13 7.40 3.63
N ASP A 38 3.25 7.44 2.62
CA ASP A 38 3.63 6.88 1.31
C ASP A 38 3.46 7.88 0.15
N GLY A 39 3.69 7.38 -1.08
CA GLY A 39 3.62 8.18 -2.30
C GLY A 39 2.35 8.99 -2.41
N THR A 40 1.25 8.38 -2.00
CA THR A 40 -0.05 9.03 -2.09
C THR A 40 -0.13 10.29 -1.24
N ASP A 41 0.54 10.30 -0.10
CA ASP A 41 0.62 11.53 0.70
C ASP A 41 1.40 12.62 -0.02
N HIS A 42 2.49 12.22 -0.68
CA HIS A 42 3.29 13.14 -1.49
C HIS A 42 2.46 13.62 -2.68
N GLU A 43 1.87 12.65 -3.39
CA GLU A 43 0.99 12.88 -4.54
C GLU A 43 -0.17 13.77 -4.15
N VAL A 44 -0.77 13.51 -2.99
CA VAL A 44 -1.86 14.34 -2.46
C VAL A 44 -1.37 15.73 -2.04
N ILE A 45 -0.11 15.84 -1.59
CA ILE A 45 0.43 17.14 -1.17
C ILE A 45 0.63 18.07 -2.36
N ALA A 46 1.25 17.56 -3.41
CA ALA A 46 1.53 18.35 -4.62
C ALA A 46 0.23 18.80 -5.30
N GLY A 47 -0.64 17.84 -5.59
CA GLY A 47 -1.95 18.14 -6.17
C GLY A 47 -2.69 16.93 -6.72
N GLY A 48 -1.98 16.10 -7.50
CA GLY A 48 -2.59 14.96 -8.21
C GLY A 48 -3.09 13.85 -7.30
N HIS A 49 -4.13 13.14 -7.75
CA HIS A 49 -4.84 12.10 -6.96
C HIS A 49 -5.41 12.61 -5.62
N GLY A 50 -6.67 12.28 -5.36
CA GLY A 50 -7.35 12.71 -4.15
C GLY A 50 -8.13 14.01 -4.31
N GLY A 51 -8.64 14.51 -3.20
CA GLY A 51 -9.49 15.71 -3.19
C GLY A 51 -9.93 16.06 -1.77
N PHE A 52 -10.08 17.35 -1.51
CA PHE A 52 -10.36 17.83 -0.16
C PHE A 52 -11.79 17.50 0.20
N PRO A 53 -12.11 17.45 1.51
CA PRO A 53 -13.49 17.25 1.91
C PRO A 53 -14.30 18.48 1.56
N GLU A 54 -15.58 18.30 1.25
CA GLU A 54 -16.43 19.43 0.86
C GLU A 54 -16.56 20.44 2.00
N GLY A 55 -16.37 21.72 1.65
CA GLY A 55 -16.54 22.83 2.58
C GLY A 55 -15.40 23.01 3.58
N GLU A 56 -14.27 22.36 3.34
CA GLU A 56 -13.12 22.40 4.25
C GLU A 56 -11.95 23.10 3.55
N ASP A 57 -11.18 23.84 4.32
CA ASP A 57 -10.01 24.56 3.78
C ASP A 57 -8.72 23.74 3.77
N HIS A 58 -8.79 22.49 4.26
CA HIS A 58 -7.60 21.65 4.43
C HIS A 58 -7.92 20.14 4.33
N LEU A 59 -6.86 19.33 4.24
CA LEU A 59 -6.97 17.87 4.36
C LEU A 59 -5.92 17.36 5.35
N VAL A 60 -6.37 16.73 6.42
CA VAL A 60 -5.48 16.00 7.31
C VAL A 60 -4.94 14.81 6.54
N LEU A 61 -3.62 14.67 6.50
CA LEU A 61 -2.96 13.64 5.71
C LEU A 61 -2.92 12.30 6.46
N GLY A 62 -2.43 11.27 5.77
CA GLY A 62 -2.09 9.99 6.40
C GLY A 62 -3.22 8.97 6.33
N HIS A 63 -2.91 7.79 5.80
CA HIS A 63 -3.87 6.70 5.73
C HIS A 63 -3.37 5.37 6.31
N GLU A 64 -2.13 5.34 6.76
CA GLU A 64 -1.50 4.16 7.31
C GLU A 64 -1.27 4.41 8.79
N ALA A 65 -2.19 3.96 9.64
CA ALA A 65 -2.11 4.33 11.04
C ALA A 65 -2.22 3.14 11.98
N VAL A 66 -1.68 3.33 13.17
CA VAL A 66 -1.87 2.45 14.30
C VAL A 66 -2.10 3.36 15.49
N GLY A 67 -3.03 2.95 16.36
CA GLY A 67 -3.39 3.71 17.53
C GLY A 67 -3.86 2.82 18.65
N VAL A 68 -4.15 3.44 19.79
CA VAL A 68 -4.68 2.73 20.98
C VAL A 68 -6.07 3.27 21.32
N VAL A 69 -7.02 2.36 21.57
CA VAL A 69 -8.38 2.73 21.90
C VAL A 69 -8.37 3.33 23.29
N VAL A 70 -8.87 4.57 23.39
CA VAL A 70 -8.90 5.26 24.67
C VAL A 70 -10.31 5.35 25.23
N ASP A 71 -11.31 5.37 24.33
CA ASP A 71 -12.70 5.31 24.74
C ASP A 71 -13.46 4.38 23.81
N PRO A 72 -13.81 3.19 24.29
CA PRO A 72 -14.54 2.24 23.46
C PRO A 72 -15.99 2.60 23.22
N ASN A 73 -16.50 3.61 23.93
CA ASN A 73 -17.87 4.09 23.75
C ASN A 73 -18.84 2.89 23.90
N ASP A 74 -19.74 2.67 22.95
CA ASP A 74 -20.71 1.57 23.04
C ASP A 74 -20.34 0.40 22.13
N THR A 75 -19.03 0.26 21.83
CA THR A 75 -18.54 -0.78 20.93
C THR A 75 -18.03 -1.90 21.78
N GLU A 76 -17.62 -3.00 21.13
CA GLU A 76 -17.10 -4.17 21.83
C GLU A 76 -15.58 -4.21 21.91
N LEU A 77 -14.93 -3.09 21.58
CA LEU A 77 -13.50 -2.95 21.77
C LEU A 77 -13.24 -2.64 23.24
N GLU A 78 -12.02 -2.86 23.69
CA GLU A 78 -11.64 -2.64 25.08
C GLU A 78 -10.62 -1.52 25.13
N GLU A 79 -10.66 -0.75 26.22
CA GLU A 79 -9.70 0.30 26.45
C GLU A 79 -8.30 -0.32 26.35
N GLY A 80 -7.42 0.34 25.60
CA GLY A 80 -6.03 -0.16 25.46
C GLY A 80 -5.79 -1.16 24.34
N ASP A 81 -6.83 -1.51 23.61
CA ASP A 81 -6.66 -2.32 22.40
C ASP A 81 -5.80 -1.57 21.38
N ILE A 82 -4.89 -2.28 20.71
CA ILE A 82 -4.11 -1.69 19.63
C ILE A 82 -4.88 -1.98 18.36
N VAL A 83 -5.22 -0.92 17.62
CA VAL A 83 -6.01 -1.03 16.40
C VAL A 83 -5.39 -0.33 15.20
N VAL A 84 -5.70 -0.86 14.03
CA VAL A 84 -5.37 -0.27 12.74
C VAL A 84 -6.67 0.01 12.01
N PRO A 85 -6.87 1.26 11.57
CA PRO A 85 -8.09 1.53 10.79
C PRO A 85 -7.96 1.16 9.32
N THR A 86 -9.05 0.68 8.74
CA THR A 86 -9.20 0.62 7.27
C THR A 86 -9.36 2.06 6.71
N VAL A 87 -9.27 2.20 5.39
CA VAL A 87 -9.17 3.51 4.76
C VAL A 87 -10.49 4.01 4.18
N ARG A 88 -11.30 3.09 3.63
CA ARG A 88 -12.52 3.50 2.94
C ARG A 88 -13.70 3.70 3.87
N ARG A 89 -14.45 4.76 3.59
CA ARG A 89 -15.67 5.11 4.31
C ARG A 89 -16.76 5.47 3.31
N PRO A 90 -18.03 5.31 3.70
CA PRO A 90 -19.12 5.65 2.80
C PRO A 90 -19.10 7.13 2.40
N PRO A 91 -19.57 7.44 1.18
CA PRO A 91 -19.55 8.83 0.74
C PRO A 91 -20.65 9.69 1.40
N ALA A 92 -20.66 10.99 1.05
CA ALA A 92 -21.59 11.97 1.63
C ALA A 92 -23.03 11.51 1.52
N SER A 93 -23.41 11.08 0.30
CA SER A 93 -24.75 10.58 -0.02
C SER A 93 -25.23 9.43 0.87
N GLY A 94 -24.29 8.63 1.40
CA GLY A 94 -24.61 7.58 2.37
C GLY A 94 -24.19 6.21 1.88
N THR A 95 -24.60 5.18 2.62
CA THR A 95 -24.21 3.81 2.34
C THR A 95 -24.61 3.34 0.95
N ASN A 96 -24.03 2.23 0.52
CA ASN A 96 -24.35 1.60 -0.76
C ASN A 96 -24.05 0.11 -0.66
N GLU A 97 -24.33 -0.63 -1.73
CA GLU A 97 -24.19 -2.10 -1.72
C GLU A 97 -22.78 -2.57 -1.33
N TYR A 98 -21.77 -1.85 -1.80
CA TYR A 98 -20.38 -2.25 -1.54
C TYR A 98 -20.05 -2.25 -0.05
N PHE A 99 -20.50 -1.21 0.66
CA PHE A 99 -20.36 -1.16 2.10
C PHE A 99 -21.31 -2.15 2.79
N GLU A 100 -22.55 -2.25 2.33
CA GLU A 100 -23.53 -3.16 2.95
C GLU A 100 -23.09 -4.63 2.87
N ARG A 101 -22.45 -5.02 1.76
CA ARG A 101 -21.93 -6.37 1.60
C ARG A 101 -20.48 -6.54 2.10
N ASP A 102 -19.95 -5.54 2.82
CA ASP A 102 -18.58 -5.60 3.36
C ASP A 102 -17.50 -5.82 2.30
N GLN A 103 -17.61 -5.12 1.18
CA GLN A 103 -16.53 -5.12 0.20
C GLN A 103 -16.31 -3.72 -0.38
N PRO A 104 -16.07 -2.73 0.51
CA PRO A 104 -15.87 -1.35 0.08
C PRO A 104 -14.63 -1.16 -0.81
N ASP A 105 -13.69 -2.10 -0.70
CA ASP A 105 -12.50 -2.11 -1.51
C ASP A 105 -12.82 -2.32 -2.99
N MET A 106 -14.01 -2.82 -3.30
CA MET A 106 -14.46 -3.01 -4.68
C MET A 106 -15.33 -1.86 -5.19
N ALA A 107 -15.61 -0.87 -4.34
CA ALA A 107 -16.48 0.26 -4.74
C ALA A 107 -15.82 1.10 -5.84
N PRO A 108 -16.62 1.50 -6.85
CA PRO A 108 -16.11 2.35 -7.91
C PRO A 108 -15.95 3.81 -7.51
N ASP A 109 -15.30 4.56 -8.39
CA ASP A 109 -15.06 5.99 -8.19
C ASP A 109 -16.36 6.71 -7.86
N GLY A 110 -16.30 7.60 -6.88
CA GLY A 110 -17.48 8.34 -6.43
C GLY A 110 -18.38 7.60 -5.46
N MET A 111 -18.12 6.33 -5.18
CA MET A 111 -18.96 5.59 -4.22
C MET A 111 -18.24 5.26 -2.90
N TYR A 112 -17.19 6.02 -2.62
CA TYR A 112 -16.41 5.87 -1.39
C TYR A 112 -15.64 7.15 -1.12
N PHE A 113 -15.32 7.37 0.15
CA PHE A 113 -14.23 8.23 0.54
C PHE A 113 -13.05 7.36 0.96
N GLU A 114 -11.86 7.93 0.88
CA GLU A 114 -10.64 7.33 1.42
C GLU A 114 -10.01 8.32 2.37
N ARG A 115 -9.93 7.95 3.64
CA ARG A 115 -9.41 8.85 4.65
C ARG A 115 -7.94 9.18 4.39
N GLY A 116 -7.62 10.47 4.44
CA GLY A 116 -6.30 10.97 4.11
C GLY A 116 -5.98 11.07 2.63
N ILE A 117 -6.92 10.68 1.76
CA ILE A 117 -6.66 10.61 0.31
C ILE A 117 -7.76 11.35 -0.48
N VAL A 118 -9.02 10.91 -0.35
CA VAL A 118 -10.11 11.61 -1.05
C VAL A 118 -11.40 11.76 -0.21
N GLY A 119 -11.81 13.01 -0.02
CA GLY A 119 -13.12 13.33 0.55
C GLY A 119 -13.25 13.30 2.05
N ALA A 120 -12.21 12.81 2.74
CA ALA A 120 -12.27 12.64 4.18
C ALA A 120 -10.89 12.81 4.78
N HIS A 121 -10.85 13.42 5.96
CA HIS A 121 -9.59 13.62 6.68
C HIS A 121 -8.93 12.32 7.07
N GLY A 122 -7.59 12.34 7.03
CA GLY A 122 -6.76 11.20 7.38
C GLY A 122 -6.54 11.05 8.87
N TYR A 123 -5.41 10.44 9.22
CA TYR A 123 -5.13 10.00 10.59
C TYR A 123 -3.95 10.70 11.25
N MET A 124 -3.36 11.68 10.57
CA MET A 124 -2.25 12.44 11.17
C MET A 124 -2.74 13.52 12.11
N SER A 125 -3.39 13.06 13.18
CA SER A 125 -3.88 13.93 14.23
C SER A 125 -3.73 13.13 15.50
N GLU A 126 -3.70 13.83 16.63
CA GLU A 126 -3.46 13.18 17.89
C GLU A 126 -4.52 12.15 18.25
N PHE A 127 -5.75 12.40 17.84
CA PHE A 127 -6.85 11.46 18.08
C PHE A 127 -7.68 11.36 16.81
N PHE A 128 -8.34 10.22 16.65
CA PHE A 128 -9.38 10.08 15.62
C PHE A 128 -10.46 9.10 16.10
N THR A 129 -11.60 9.14 15.44
CA THR A 129 -12.68 8.18 15.67
C THR A 129 -12.87 7.31 14.43
N SER A 130 -13.40 6.11 14.62
CA SER A 130 -13.93 5.30 13.53
C SER A 130 -14.95 4.29 14.05
N PRO A 131 -15.88 3.89 13.18
CA PRO A 131 -16.74 2.75 13.50
C PRO A 131 -15.90 1.51 13.83
N GLU A 132 -16.35 0.78 14.85
CA GLU A 132 -15.74 -0.47 15.26
C GLU A 132 -15.52 -1.46 14.09
N LYS A 133 -16.45 -1.52 13.15
CA LYS A 133 -16.31 -2.46 12.02
C LYS A 133 -15.10 -2.16 11.11
N TYR A 134 -14.56 -0.93 11.18
CA TYR A 134 -13.39 -0.53 10.38
C TYR A 134 -12.10 -0.40 11.19
N LEU A 135 -12.12 -0.88 12.42
CA LEU A 135 -10.95 -0.90 13.26
C LEU A 135 -10.54 -2.36 13.46
N VAL A 136 -9.30 -2.68 13.07
CA VAL A 136 -8.81 -4.06 13.16
C VAL A 136 -7.83 -4.17 14.33
N ARG A 137 -8.16 -5.03 15.30
CA ARG A 137 -7.26 -5.32 16.40
C ARG A 137 -6.04 -6.06 15.90
N ILE A 138 -4.87 -5.67 16.38
CA ILE A 138 -3.63 -6.35 16.04
C ILE A 138 -2.90 -6.68 17.35
N PRO A 139 -1.96 -7.65 17.30
CA PRO A 139 -1.18 -7.98 18.50
C PRO A 139 -0.44 -6.78 19.04
N ARG A 140 -0.37 -6.67 20.36
CA ARG A 140 0.26 -5.50 21.00
C ARG A 140 1.68 -5.28 20.57
N SER A 141 2.44 -6.37 20.36
CA SER A 141 3.83 -6.26 19.94
C SER A 141 4.03 -5.75 18.51
N GLN A 142 2.96 -5.62 17.73
CA GLN A 142 3.09 -5.06 16.39
C GLN A 142 2.79 -3.55 16.39
N ALA A 143 2.56 -2.96 17.56
CA ALA A 143 2.19 -1.54 17.68
C ALA A 143 3.26 -0.62 17.12
N GLU A 144 4.54 -0.92 17.36
CA GLU A 144 5.60 -0.02 16.91
C GLU A 144 5.71 0.11 15.40
N LEU A 145 5.43 -0.98 14.68
CA LEU A 145 5.49 -0.97 13.22
C LEU A 145 4.14 -1.21 12.60
N GLY A 146 3.09 -0.89 13.36
CA GLY A 146 1.74 -1.20 12.97
C GLY A 146 1.20 -0.44 11.78
N PHE A 147 1.84 0.68 11.46
CA PHE A 147 1.48 1.43 10.25
C PHE A 147 1.84 0.65 8.98
N LEU A 148 2.60 -0.44 9.12
CA LEU A 148 2.91 -1.30 7.99
C LEU A 148 1.80 -2.28 7.62
N ILE A 149 0.82 -2.43 8.51
CA ILE A 149 -0.25 -3.41 8.28
C ILE A 149 -1.07 -3.01 7.06
N GLU A 150 -1.34 -1.72 6.88
CA GLU A 150 -2.10 -1.30 5.73
C GLU A 150 -1.39 -1.63 4.40
N PRO A 151 -0.14 -1.19 4.21
CA PRO A 151 0.51 -1.59 2.92
C PRO A 151 0.65 -3.11 2.68
N ILE A 152 0.91 -3.87 3.72
CA ILE A 152 0.94 -5.33 3.62
C ILE A 152 -0.40 -5.84 3.10
N SER A 153 -1.50 -5.25 3.60
CA SER A 153 -2.86 -5.66 3.23
C SER A 153 -3.18 -5.41 1.76
N ILE A 154 -2.60 -4.34 1.20
CA ILE A 154 -2.71 -4.03 -0.22
C ILE A 154 -2.23 -5.25 -1.03
N THR A 155 -1.07 -5.76 -0.67
CA THR A 155 -0.53 -6.95 -1.32
C THR A 155 -1.33 -8.21 -1.01
N GLU A 156 -1.83 -8.36 0.21
CA GLU A 156 -2.67 -9.52 0.52
C GLU A 156 -3.89 -9.56 -0.41
N LYS A 157 -4.52 -8.42 -0.68
CA LYS A 157 -5.64 -8.39 -1.62
C LYS A 157 -5.20 -8.72 -3.06
N ALA A 158 -4.13 -8.08 -3.52
CA ALA A 158 -3.69 -8.27 -4.89
C ALA A 158 -3.35 -9.74 -5.16
N LEU A 159 -2.65 -10.38 -4.22
CA LEU A 159 -2.32 -11.81 -4.35
C LEU A 159 -3.58 -12.68 -4.38
N GLU A 160 -4.54 -12.39 -3.51
CA GLU A 160 -5.80 -13.12 -3.51
C GLU A 160 -6.48 -13.10 -4.89
N HIS A 161 -6.63 -11.91 -5.48
CA HIS A 161 -7.29 -11.81 -6.78
C HIS A 161 -6.42 -12.41 -7.90
N ALA A 162 -5.12 -12.11 -7.91
CA ALA A 162 -4.22 -12.69 -8.88
C ALA A 162 -4.27 -14.22 -8.85
N TYR A 163 -4.18 -14.81 -7.66
CA TYR A 163 -4.19 -16.27 -7.51
C TYR A 163 -5.53 -16.92 -7.89
N ALA A 164 -6.62 -16.24 -7.57
CA ALA A 164 -7.96 -16.68 -7.95
C ALA A 164 -8.07 -16.81 -9.48
N SER A 165 -7.41 -15.92 -10.22
CA SER A 165 -7.43 -15.97 -11.68
C SER A 165 -6.81 -17.25 -12.24
N ARG A 166 -5.94 -17.88 -11.46
CA ARG A 166 -5.25 -19.12 -11.85
C ARG A 166 -5.86 -20.37 -11.20
N SER A 167 -7.06 -20.27 -10.60
CA SER A 167 -7.60 -21.39 -9.78
C SER A 167 -8.33 -22.47 -10.55
N ALA A 168 -8.59 -22.25 -11.84
CA ALA A 168 -9.29 -23.25 -12.65
C ALA A 168 -8.35 -24.32 -13.20
N PHE A 169 -7.04 -24.20 -12.96
CA PHE A 169 -6.08 -25.22 -13.38
C PHE A 169 -5.00 -25.40 -12.31
N ASP A 170 -4.13 -26.39 -12.51
CA ASP A 170 -3.03 -26.65 -11.58
C ASP A 170 -1.84 -25.78 -11.94
N TRP A 171 -1.69 -24.70 -11.20
CA TRP A 171 -0.64 -23.75 -11.44
C TRP A 171 0.36 -23.90 -10.31
N ASP A 172 1.63 -24.09 -10.68
CA ASP A 172 2.71 -24.17 -9.71
C ASP A 172 3.82 -23.24 -10.15
N PRO A 173 3.79 -21.99 -9.65
CA PRO A 173 4.77 -21.02 -10.10
C PRO A 173 6.11 -21.28 -9.43
N SER A 174 7.19 -20.89 -10.08
CA SER A 174 8.51 -20.99 -9.46
C SER A 174 9.25 -19.65 -9.46
N SER A 175 8.88 -18.73 -10.36
CA SER A 175 9.54 -17.43 -10.45
C SER A 175 8.57 -16.27 -10.26
N ALA A 176 9.05 -15.23 -9.58
CA ALA A 176 8.28 -14.00 -9.36
C ALA A 176 9.16 -12.76 -9.54
N PHE A 177 8.58 -11.73 -10.15
CA PHE A 177 9.27 -10.52 -10.54
C PHE A 177 8.46 -9.32 -10.03
N VAL A 178 9.04 -8.56 -9.12
CA VAL A 178 8.42 -7.35 -8.64
C VAL A 178 9.00 -6.16 -9.39
N LEU A 179 8.11 -5.37 -9.96
CA LEU A 179 8.51 -4.18 -10.67
C LEU A 179 8.41 -3.01 -9.72
N GLY A 180 9.57 -2.44 -9.38
CA GLY A 180 9.62 -1.27 -8.50
C GLY A 180 10.24 -1.56 -7.16
N ASN A 181 11.05 -0.60 -6.69
CA ASN A 181 11.86 -0.74 -5.48
C ASN A 181 11.49 0.33 -4.46
N GLY A 182 10.22 0.71 -4.48
CA GLY A 182 9.63 1.57 -3.48
C GLY A 182 9.21 0.72 -2.31
N SER A 183 8.60 1.34 -1.32
CA SER A 183 8.26 0.65 -0.08
C SER A 183 7.24 -0.49 -0.34
N LEU A 184 6.29 -0.30 -1.24
CA LEU A 184 5.36 -1.37 -1.63
C LEU A 184 6.03 -2.54 -2.35
N GLY A 185 6.87 -2.24 -3.35
CA GLY A 185 7.62 -3.27 -4.05
C GLY A 185 8.52 -4.07 -3.13
N LEU A 186 9.25 -3.38 -2.25
CA LEU A 186 10.17 -4.05 -1.30
C LEU A 186 9.42 -4.91 -0.29
N LEU A 187 8.33 -4.37 0.29
CA LEU A 187 7.48 -5.18 1.16
C LEU A 187 6.98 -6.42 0.45
N THR A 188 6.54 -6.23 -0.78
CA THR A 188 5.99 -7.33 -1.57
C THR A 188 7.05 -8.39 -1.87
N LEU A 189 8.28 -7.96 -2.13
CA LEU A 189 9.37 -8.90 -2.39
C LEU A 189 9.59 -9.82 -1.19
N ALA A 190 9.57 -9.23 0.01
CA ALA A 190 9.71 -9.98 1.26
C ALA A 190 8.52 -10.92 1.47
N MET A 191 7.31 -10.47 1.15
CA MET A 191 6.13 -11.35 1.28
C MET A 191 6.23 -12.53 0.33
N LEU A 192 6.74 -12.29 -0.87
CA LEU A 192 6.82 -13.37 -1.86
C LEU A 192 7.82 -14.42 -1.41
N LYS A 193 8.84 -14.00 -0.66
CA LYS A 193 9.84 -14.91 -0.16
C LYS A 193 9.24 -15.95 0.78
N VAL A 194 8.23 -15.56 1.55
CA VAL A 194 7.59 -16.45 2.51
C VAL A 194 6.23 -17.00 2.06
N ASP A 195 5.79 -16.62 0.86
CA ASP A 195 4.53 -17.08 0.26
C ASP A 195 4.49 -18.62 0.15
N ASP A 196 3.32 -19.19 0.44
CA ASP A 196 3.09 -20.64 0.37
C ASP A 196 3.25 -21.26 -1.04
N LYS A 197 3.15 -20.45 -2.09
CA LYS A 197 3.34 -20.95 -3.46
C LYS A 197 4.78 -21.43 -3.72
N GLY A 198 5.71 -21.12 -2.83
CA GLY A 198 7.08 -21.60 -2.92
C GLY A 198 7.83 -21.11 -4.15
N TYR A 199 8.06 -19.80 -4.22
CA TYR A 199 8.85 -19.25 -5.33
C TYR A 199 10.31 -19.59 -5.06
N GLU A 200 11.02 -19.99 -6.11
CA GLU A 200 12.45 -20.35 -5.99
C GLU A 200 13.34 -19.20 -6.40
N ASN A 201 12.92 -18.46 -7.41
CA ASN A 201 13.70 -17.35 -7.97
C ASN A 201 12.90 -16.06 -7.92
N LEU A 202 13.47 -15.07 -7.24
CA LEU A 202 12.84 -13.75 -7.09
C LEU A 202 13.67 -12.68 -7.77
N TYR A 203 12.99 -11.68 -8.34
CA TYR A 203 13.63 -10.63 -9.11
C TYR A 203 12.94 -9.34 -8.74
N CYS A 204 13.68 -8.24 -8.72
CA CYS A 204 13.12 -6.91 -8.47
C CYS A 204 13.72 -5.89 -9.41
N LEU A 205 12.86 -5.11 -10.06
CA LEU A 205 13.22 -4.09 -11.03
C LEU A 205 13.38 -2.74 -10.38
N GLY A 206 14.48 -2.06 -10.72
CA GLY A 206 14.71 -0.68 -10.30
C GLY A 206 15.59 0.03 -11.31
N ARG A 207 16.07 1.22 -10.95
CA ARG A 207 16.95 1.99 -11.85
C ARG A 207 17.92 2.85 -11.05
N ARG A 208 18.54 2.25 -10.04
CA ARG A 208 19.49 2.92 -9.15
C ARG A 208 20.91 2.50 -9.46
N ASP A 209 21.86 3.41 -9.24
CA ASP A 209 23.30 3.09 -9.28
C ASP A 209 23.71 2.66 -7.88
N ARG A 210 24.56 1.66 -7.78
CA ARG A 210 25.24 1.33 -6.51
C ARG A 210 26.20 2.46 -6.11
N PRO A 211 26.38 2.67 -4.79
CA PRO A 211 25.69 1.98 -3.72
C PRO A 211 24.29 2.59 -3.49
N ASP A 212 23.34 1.72 -3.13
CA ASP A 212 21.96 2.13 -2.89
C ASP A 212 21.32 1.15 -1.90
N PRO A 213 20.65 1.66 -0.86
CA PRO A 213 20.12 0.79 0.17
C PRO A 213 18.95 -0.10 -0.30
N THR A 214 18.25 0.27 -1.36
CA THR A 214 17.17 -0.59 -1.89
C THR A 214 17.75 -1.80 -2.63
N ILE A 215 18.85 -1.59 -3.36
CA ILE A 215 19.58 -2.70 -3.98
C ILE A 215 20.08 -3.64 -2.90
N ASP A 216 20.59 -3.09 -1.80
CA ASP A 216 21.10 -3.93 -0.72
C ASP A 216 20.01 -4.83 -0.13
N ILE A 217 18.82 -4.27 0.07
CA ILE A 217 17.68 -5.06 0.61
C ILE A 217 17.30 -6.20 -0.35
N ILE A 218 17.21 -5.88 -1.63
CA ILE A 218 16.84 -6.85 -2.66
C ILE A 218 17.81 -8.03 -2.64
N GLU A 219 19.11 -7.72 -2.65
CA GLU A 219 20.14 -8.76 -2.66
C GLU A 219 20.28 -9.50 -1.34
N GLU A 220 20.03 -8.82 -0.24
CA GLU A 220 20.01 -9.48 1.07
C GLU A 220 18.82 -10.44 1.24
N LEU A 221 17.73 -10.21 0.48
CA LEU A 221 16.60 -11.15 0.42
C LEU A 221 16.85 -12.34 -0.53
N ASP A 222 18.06 -12.43 -1.08
CA ASP A 222 18.43 -13.45 -2.09
C ASP A 222 17.68 -13.33 -3.42
N ALA A 223 17.26 -12.11 -3.75
CA ALA A 223 16.64 -11.81 -5.03
C ALA A 223 17.66 -11.22 -5.96
N THR A 224 17.35 -11.22 -7.25
CA THR A 224 18.19 -10.58 -8.24
C THR A 224 17.67 -9.19 -8.57
N TYR A 225 18.58 -8.21 -8.50
CA TYR A 225 18.29 -6.84 -8.87
C TYR A 225 18.40 -6.67 -10.38
N VAL A 226 17.34 -6.16 -11.00
CA VAL A 226 17.31 -5.88 -12.42
C VAL A 226 17.21 -4.38 -12.65
N ASP A 227 18.24 -3.83 -13.30
CA ASP A 227 18.27 -2.42 -13.64
C ASP A 227 17.53 -2.23 -14.96
N SER A 228 16.44 -1.45 -14.93
CA SER A 228 15.62 -1.28 -16.15
C SER A 228 16.32 -0.48 -17.24
N ARG A 229 17.33 0.32 -16.86
CA ARG A 229 18.17 1.03 -17.83
C ARG A 229 19.03 0.08 -18.68
N GLN A 230 19.45 -1.04 -18.09
CA GLN A 230 20.22 -2.08 -18.78
C GLN A 230 19.32 -3.14 -19.43
N THR A 231 18.30 -3.59 -18.69
CA THR A 231 17.41 -4.67 -19.15
C THR A 231 15.95 -4.25 -18.98
N PRO A 232 15.32 -3.74 -20.04
CA PRO A 232 13.88 -3.49 -19.96
C PRO A 232 13.06 -4.79 -19.76
N VAL A 233 11.84 -4.61 -19.24
CA VAL A 233 10.95 -5.72 -18.89
C VAL A 233 10.81 -6.73 -20.03
N GLU A 234 10.54 -6.22 -21.23
CA GLU A 234 10.41 -7.04 -22.44
C GLU A 234 11.60 -7.97 -22.68
N ASP A 235 12.80 -7.53 -22.31
CA ASP A 235 14.03 -8.28 -22.56
C ASP A 235 14.39 -9.29 -21.47
N VAL A 236 13.72 -9.20 -20.32
CA VAL A 236 14.03 -10.06 -19.16
C VAL A 236 14.03 -11.57 -19.46
N PRO A 237 13.07 -12.06 -20.26
CA PRO A 237 13.09 -13.51 -20.54
C PRO A 237 14.35 -14.03 -21.25
N ASP A 238 14.98 -13.18 -22.08
CA ASP A 238 16.24 -13.53 -22.74
C ASP A 238 17.42 -13.56 -21.78
N VAL A 239 17.49 -12.57 -20.90
CA VAL A 239 18.62 -12.43 -20.00
C VAL A 239 18.49 -13.32 -18.76
N TYR A 240 17.28 -13.41 -18.23
CA TYR A 240 17.06 -14.19 -17.01
C TYR A 240 16.15 -15.37 -17.30
N GLU A 241 14.84 -15.23 -17.07
CA GLU A 241 13.86 -16.27 -17.38
C GLU A 241 12.48 -15.65 -17.53
N GLN A 242 11.54 -16.44 -18.01
CA GLN A 242 10.14 -16.06 -18.02
C GLN A 242 9.62 -16.14 -16.61
N MET A 243 8.76 -15.19 -16.25
CA MET A 243 8.29 -15.04 -14.87
C MET A 243 6.84 -15.55 -14.73
N ASP A 244 6.61 -16.41 -13.76
CA ASP A 244 5.26 -16.95 -13.52
C ASP A 244 4.31 -15.93 -12.94
N PHE A 245 4.87 -15.05 -12.11
CA PHE A 245 4.09 -14.01 -11.43
C PHE A 245 4.82 -12.70 -11.57
N ILE A 246 4.11 -11.66 -12.00
CA ILE A 246 4.68 -10.32 -12.00
C ILE A 246 3.78 -9.45 -11.14
N TYR A 247 4.39 -8.64 -10.29
CA TYR A 247 3.71 -7.66 -9.48
C TYR A 247 4.23 -6.28 -9.84
N GLU A 248 3.35 -5.45 -10.40
CA GLU A 248 3.73 -4.10 -10.86
C GLU A 248 3.43 -3.03 -9.80
N ALA A 249 4.50 -2.37 -9.35
CA ALA A 249 4.43 -1.30 -8.36
C ALA A 249 5.35 -0.12 -8.73
N THR A 250 5.34 0.25 -10.01
CA THR A 250 6.12 1.40 -10.53
C THR A 250 5.24 2.58 -10.92
N GLY A 251 4.01 2.31 -11.37
CA GLY A 251 3.14 3.36 -11.86
C GLY A 251 3.55 3.81 -13.24
N PHE A 252 4.36 3.00 -13.92
CA PHE A 252 4.83 3.29 -15.26
C PHE A 252 4.04 2.45 -16.30
N PRO A 253 3.20 3.11 -17.12
CA PRO A 253 2.29 2.42 -18.07
C PRO A 253 2.92 1.42 -19.03
N LYS A 254 4.13 1.69 -19.49
CA LYS A 254 4.87 0.75 -20.34
C LYS A 254 4.99 -0.63 -19.67
N HIS A 255 5.16 -0.65 -18.34
CA HIS A 255 5.27 -1.91 -17.61
C HIS A 255 3.99 -2.74 -17.64
N ALA A 256 2.83 -2.09 -17.57
CA ALA A 256 1.57 -2.82 -17.66
C ALA A 256 1.49 -3.60 -18.97
N ILE A 257 1.87 -2.97 -20.08
CA ILE A 257 1.81 -3.63 -21.38
C ILE A 257 2.94 -4.64 -21.61
N GLN A 258 4.15 -4.25 -21.25
CA GLN A 258 5.35 -5.06 -21.50
C GLN A 258 5.42 -6.31 -20.63
N SER A 259 4.76 -6.28 -19.47
CA SER A 259 4.83 -7.42 -18.54
C SER A 259 4.26 -8.69 -19.19
N VAL A 260 3.30 -8.55 -20.09
CA VAL A 260 2.76 -9.71 -20.80
C VAL A 260 3.82 -10.48 -21.58
N GLN A 261 4.83 -9.77 -22.11
CA GLN A 261 5.92 -10.41 -22.84
C GLN A 261 6.90 -11.11 -21.91
N ALA A 262 7.01 -10.63 -20.67
CA ALA A 262 7.91 -11.24 -19.68
C ALA A 262 7.26 -12.39 -18.90
N LEU A 263 5.94 -12.49 -18.94
CA LEU A 263 5.23 -13.61 -18.28
C LEU A 263 5.50 -14.95 -18.92
N ALA A 264 5.68 -15.96 -18.10
CA ALA A 264 5.69 -17.33 -18.58
C ALA A 264 4.27 -17.69 -19.03
N PRO A 265 4.14 -18.73 -19.87
CA PRO A 265 2.82 -19.25 -20.18
C PRO A 265 2.05 -19.52 -18.91
N ASN A 266 0.77 -19.17 -18.94
CA ASN A 266 -0.16 -19.46 -17.88
C ASN A 266 0.03 -18.56 -16.68
N GLY A 267 0.89 -17.56 -16.83
CA GLY A 267 1.21 -16.64 -15.76
C GLY A 267 0.18 -15.54 -15.57
N VAL A 268 0.36 -14.79 -14.49
CA VAL A 268 -0.50 -13.67 -14.17
C VAL A 268 0.35 -12.49 -13.71
N GLY A 269 -0.04 -11.30 -14.18
CA GLY A 269 0.49 -10.03 -13.72
C GLY A 269 -0.54 -9.34 -12.86
N ALA A 270 -0.13 -8.91 -11.67
CA ALA A 270 -0.95 -8.03 -10.81
C ALA A 270 -0.48 -6.60 -10.99
N LEU A 271 -1.42 -5.69 -11.26
CA LEU A 271 -1.11 -4.27 -11.48
C LEU A 271 -1.62 -3.47 -10.30
N LEU A 272 -0.72 -2.73 -9.67
CA LEU A 272 -1.05 -1.89 -8.52
C LEU A 272 -0.76 -0.40 -8.74
N GLY A 273 -0.02 -0.07 -9.79
CA GLY A 273 0.41 1.31 -10.03
C GLY A 273 -0.70 2.20 -10.54
N VAL A 274 -0.61 3.49 -10.27
CA VAL A 274 -1.64 4.45 -10.65
C VAL A 274 -0.99 5.57 -11.44
N PRO A 275 -0.95 5.42 -12.78
CA PRO A 275 -0.30 6.41 -13.62
C PRO A 275 -1.25 7.46 -14.14
N SER A 276 -0.69 8.53 -14.68
CA SER A 276 -1.46 9.50 -15.44
C SER A 276 -1.63 8.99 -16.88
N ASP A 277 -2.60 9.57 -17.59
CA ASP A 277 -2.73 9.39 -19.03
C ASP A 277 -1.37 9.55 -19.69
N TRP A 278 -1.06 8.66 -20.63
CA TRP A 278 0.19 8.71 -21.35
C TRP A 278 0.09 7.81 -22.58
N ALA A 279 0.17 8.43 -23.76
CA ALA A 279 -0.05 7.71 -25.03
C ALA A 279 1.25 7.48 -25.78
N PHE A 280 1.42 6.27 -26.29
CA PHE A 280 2.59 5.92 -27.07
C PHE A 280 2.35 4.64 -27.86
N GLU A 281 3.28 4.31 -28.74
CA GLU A 281 3.10 3.22 -29.69
C GLU A 281 3.43 1.89 -29.05
N VAL A 282 2.47 0.96 -29.08
CA VAL A 282 2.64 -0.40 -28.57
C VAL A 282 2.30 -1.38 -29.67
N ASP A 283 2.98 -2.51 -29.70
CA ASP A 283 2.52 -3.61 -30.54
C ASP A 283 1.35 -4.31 -29.82
N ALA A 284 0.15 -3.81 -30.07
CA ALA A 284 -1.08 -4.37 -29.51
C ALA A 284 -1.32 -5.80 -30.00
N GLY A 285 -0.87 -6.09 -31.21
CA GLY A 285 -1.00 -7.44 -31.77
C GLY A 285 -0.24 -8.48 -30.98
N ALA A 286 0.99 -8.16 -30.62
CA ALA A 286 1.83 -9.02 -29.83
C ALA A 286 1.25 -9.22 -28.40
N PHE A 287 0.76 -8.13 -27.79
CA PHE A 287 0.07 -8.15 -26.49
C PHE A 287 -1.12 -9.12 -26.48
N HIS A 288 -2.01 -8.91 -27.46
CA HIS A 288 -3.25 -9.65 -27.64
C HIS A 288 -2.94 -11.11 -27.86
N ARG A 289 -2.05 -11.42 -28.80
CA ARG A 289 -1.73 -12.80 -29.12
C ARG A 289 -1.06 -13.59 -27.97
N GLU A 290 -0.10 -12.97 -27.28
CA GLU A 290 0.53 -13.62 -26.12
C GLU A 290 -0.50 -13.97 -25.05
N MET A 291 -1.39 -13.02 -24.74
CA MET A 291 -2.44 -13.24 -23.73
C MET A 291 -3.28 -14.46 -24.05
N VAL A 292 -3.67 -14.59 -25.31
CA VAL A 292 -4.55 -15.68 -25.74
C VAL A 292 -3.82 -17.02 -25.88
N LEU A 293 -2.78 -17.04 -26.69
CA LEU A 293 -2.14 -18.31 -27.02
C LEU A 293 -1.45 -18.97 -25.81
N HIS A 294 -1.09 -18.16 -24.83
CA HIS A 294 -0.45 -18.68 -23.63
C HIS A 294 -1.24 -18.51 -22.34
N ASN A 295 -2.56 -18.35 -22.47
CA ASN A 295 -3.49 -18.39 -21.33
C ASN A 295 -3.01 -17.52 -20.19
N LYS A 296 -2.70 -16.26 -20.47
CA LYS A 296 -2.23 -15.32 -19.46
C LYS A 296 -3.38 -14.46 -18.91
N ALA A 297 -3.14 -13.84 -17.76
CA ALA A 297 -4.10 -12.94 -17.13
C ALA A 297 -3.40 -11.67 -16.60
N LEU A 298 -4.12 -10.55 -16.63
CA LEU A 298 -3.72 -9.33 -15.93
C LEU A 298 -4.86 -8.97 -15.01
N VAL A 299 -4.52 -8.64 -13.78
CA VAL A 299 -5.51 -8.31 -12.78
C VAL A 299 -5.08 -7.01 -12.09
N GLY A 300 -6.01 -6.06 -11.97
CA GLY A 300 -5.77 -4.84 -11.22
C GLY A 300 -6.38 -4.93 -9.84
N SER A 301 -5.79 -4.25 -8.88
CA SER A 301 -6.25 -4.26 -7.50
C SER A 301 -5.99 -2.94 -6.83
N VAL A 302 -6.96 -2.48 -6.05
CA VAL A 302 -6.78 -1.24 -5.29
C VAL A 302 -7.38 -1.47 -3.91
N ASN A 303 -6.75 -0.86 -2.90
CA ASN A 303 -7.29 -0.83 -1.54
C ASN A 303 -7.30 -2.27 -0.95
N SER A 304 -8.07 -2.48 0.11
CA SER A 304 -8.06 -3.76 0.83
C SER A 304 -9.10 -3.66 1.90
N HIS A 305 -9.51 -4.79 2.47
CA HIS A 305 -10.48 -4.76 3.54
C HIS A 305 -10.06 -5.61 4.73
N VAL A 306 -10.98 -5.75 5.70
CA VAL A 306 -10.66 -6.28 7.01
C VAL A 306 -9.91 -7.59 6.99
N GLU A 307 -10.39 -8.53 6.18
CA GLU A 307 -9.79 -9.85 6.07
C GLU A 307 -8.32 -9.79 5.61
N HIS A 308 -8.00 -8.81 4.78
CA HIS A 308 -6.63 -8.62 4.29
C HIS A 308 -5.73 -8.02 5.37
N PHE A 309 -6.29 -7.15 6.20
CA PHE A 309 -5.59 -6.60 7.38
C PHE A 309 -5.27 -7.72 8.38
N GLU A 310 -6.23 -8.61 8.59
CA GLU A 310 -6.03 -9.74 9.49
C GLU A 310 -4.97 -10.65 8.97
N ALA A 311 -5.01 -10.94 7.67
CA ALA A 311 -4.00 -11.78 7.06
C ALA A 311 -2.64 -11.13 7.20
N ALA A 312 -2.60 -9.81 7.09
CA ALA A 312 -1.35 -9.07 7.20
C ALA A 312 -0.66 -9.28 8.55
N THR A 313 -1.43 -9.46 9.64
CA THR A 313 -0.84 -9.64 10.95
C THR A 313 -0.05 -10.95 11.01
N VAL A 314 -0.52 -11.98 10.28
CA VAL A 314 0.20 -13.25 10.20
C VAL A 314 1.45 -13.12 9.32
N THR A 315 1.30 -12.49 8.16
CA THR A 315 2.45 -12.27 7.29
C THR A 315 3.58 -11.48 7.98
N PHE A 316 3.20 -10.45 8.72
CA PHE A 316 4.12 -9.61 9.47
C PHE A 316 5.07 -10.44 10.33
N THR A 317 4.51 -11.42 11.02
CA THR A 317 5.26 -12.28 11.92
C THR A 317 6.34 -13.09 11.19
N LYS A 318 6.09 -13.39 9.92
CA LYS A 318 7.02 -14.18 9.10
C LYS A 318 8.13 -13.36 8.46
N LEU A 319 8.02 -12.03 8.47
CA LEU A 319 9.02 -11.21 7.78
C LEU A 319 10.29 -11.16 8.64
N PRO A 320 11.48 -11.23 8.00
CA PRO A 320 12.73 -11.14 8.77
C PRO A 320 12.87 -9.81 9.49
N LYS A 321 13.43 -9.85 10.69
CA LYS A 321 13.58 -8.68 11.53
C LYS A 321 14.58 -7.68 10.95
N TRP A 322 15.62 -8.18 10.29
CA TRP A 322 16.60 -7.30 9.66
C TRP A 322 15.91 -6.48 8.58
N PHE A 323 14.97 -7.11 7.87
CA PHE A 323 14.29 -6.47 6.76
C PHE A 323 13.43 -5.29 7.24
N LEU A 324 12.68 -5.51 8.29
CA LEU A 324 11.86 -4.46 8.88
C LEU A 324 12.69 -3.30 9.39
N GLU A 325 13.88 -3.58 9.93
CA GLU A 325 14.79 -2.55 10.42
C GLU A 325 15.36 -1.69 9.29
N ASP A 326 15.70 -2.33 8.17
CA ASP A 326 16.25 -1.65 7.03
C ASP A 326 15.19 -0.92 6.20
N LEU A 327 13.95 -1.40 6.23
CA LEU A 327 12.91 -0.80 5.41
C LEU A 327 12.48 0.56 5.99
N VAL A 328 12.36 0.63 7.32
CA VAL A 328 11.87 1.83 8.00
C VAL A 328 13.08 2.72 8.28
N THR A 329 13.30 3.72 7.42
CA THR A 329 14.52 4.50 7.47
C THR A 329 14.42 5.64 8.48
N GLY A 330 13.20 6.01 8.88
CA GLY A 330 13.04 6.97 9.95
C GLY A 330 11.66 7.09 10.57
N VAL A 331 11.62 7.14 11.89
CA VAL A 331 10.40 7.44 12.62
C VAL A 331 10.67 8.77 13.33
N HIS A 332 9.83 9.76 13.09
CA HIS A 332 10.11 11.11 13.51
C HIS A 332 9.04 11.58 14.45
N PRO A 333 9.44 12.16 15.60
CA PRO A 333 8.43 12.70 16.52
C PRO A 333 7.73 13.87 15.87
N LEU A 334 6.55 14.18 16.39
CA LEU A 334 5.73 15.25 15.84
C LEU A 334 6.51 16.57 15.78
N SER A 335 7.40 16.77 16.74
CA SER A 335 8.25 17.96 16.79
C SER A 335 9.13 18.14 15.55
N GLU A 336 9.47 17.04 14.87
CA GLU A 336 10.33 17.07 13.69
C GLU A 336 9.65 16.41 12.50
N PHE A 337 8.35 16.70 12.36
CA PHE A 337 7.52 15.98 11.40
C PHE A 337 7.92 16.20 9.94
N GLU A 338 8.48 17.36 9.65
CA GLU A 338 8.85 17.73 8.27
C GLU A 338 9.83 16.74 7.67
N ALA A 339 10.75 16.23 8.51
CA ALA A 339 11.71 15.21 8.07
C ALA A 339 11.06 13.95 7.48
N ALA A 340 9.84 13.62 7.90
CA ALA A 340 9.15 12.42 7.40
C ALA A 340 8.79 12.54 5.93
N PHE A 341 8.69 13.78 5.44
CA PHE A 341 8.30 14.05 4.05
C PHE A 341 9.49 14.32 3.11
N ASP A 342 10.70 14.34 3.65
CA ASP A 342 11.88 14.49 2.81
C ASP A 342 12.08 13.18 2.09
N ASP A 343 12.18 13.25 0.77
CA ASP A 343 12.39 12.08 -0.04
C ASP A 343 13.72 12.18 -0.78
N ASP A 344 14.56 11.16 -0.61
CA ASP A 344 15.72 11.00 -1.44
C ASP A 344 15.95 9.49 -1.60
N ASP A 345 17.01 9.13 -2.31
CA ASP A 345 17.24 7.74 -2.64
C ASP A 345 17.45 6.86 -1.40
N THR A 346 17.97 7.44 -0.32
CA THR A 346 18.25 6.70 0.91
C THR A 346 17.06 6.65 1.87
N THR A 347 15.98 7.33 1.51
CA THR A 347 14.76 7.31 2.29
C THR A 347 13.80 6.27 1.69
N ILE A 348 13.44 5.26 2.48
CA ILE A 348 12.54 4.22 1.99
C ILE A 348 11.15 4.39 2.59
N LYS A 349 10.96 3.99 3.85
CA LYS A 349 9.67 4.18 4.51
C LYS A 349 9.88 5.02 5.73
N THR A 350 9.07 6.06 5.86
CA THR A 350 9.07 6.89 7.07
C THR A 350 7.72 6.87 7.75
N ALA A 351 7.72 7.29 9.02
CA ALA A 351 6.51 7.45 9.81
C ALA A 351 6.69 8.62 10.76
N ILE A 352 5.58 9.08 11.30
CA ILE A 352 5.57 10.14 12.30
C ILE A 352 4.97 9.57 13.57
N GLU A 353 5.64 9.78 14.69
CA GLU A 353 5.15 9.30 15.97
C GLU A 353 4.45 10.43 16.73
N PHE A 354 3.17 10.22 17.00
CA PHE A 354 2.34 11.13 17.76
C PHE A 354 2.37 10.85 19.26
N SER A 355 2.41 9.58 19.64
CA SER A 355 2.47 9.22 21.06
C SER A 355 2.99 7.81 21.19
N THR A 356 3.17 7.36 22.43
CA THR A 356 3.73 6.04 22.70
C THR A 356 2.82 5.22 23.61
N VAL A 357 3.25 3.97 23.82
CA VAL A 357 2.68 2.95 24.74
C VAL A 357 1.44 2.29 24.16
PA NAP B . 7.17 4.81 -4.86
O1A NAP B . 7.72 5.02 -3.52
O2A NAP B . 7.10 5.93 -5.78
O5B NAP B . 7.95 3.63 -5.56
C5B NAP B . 7.97 3.57 -6.97
C4B NAP B . 9.31 3.02 -7.36
O4B NAP B . 9.24 2.64 -8.72
C3B NAP B . 10.43 4.06 -7.20
O3B NAP B . 11.43 3.54 -6.35
C2B NAP B . 10.93 4.24 -8.63
O2B NAP B . 12.33 4.37 -8.72
C1B NAP B . 10.46 2.96 -9.31
N9A NAP B . 10.30 3.17 -10.74
C8A NAP B . 9.49 4.06 -11.39
N7A NAP B . 9.70 3.94 -12.72
C5A NAP B . 10.65 2.98 -12.90
C6A NAP B . 11.22 2.44 -14.02
N6A NAP B . 10.87 2.87 -15.22
N1A NAP B . 12.17 1.45 -13.89
C2A NAP B . 12.54 0.99 -12.65
N3A NAP B . 11.96 1.53 -11.53
C4A NAP B . 11.03 2.49 -11.66
O3 NAP B . 5.69 4.25 -4.57
PN NAP B . 5.17 3.05 -3.62
O1N NAP B . 6.12 1.90 -3.57
O2N NAP B . 4.65 3.55 -2.33
O5D NAP B . 3.95 2.72 -4.64
C5D NAP B . 4.23 2.23 -5.93
C4D NAP B . 3.07 2.46 -6.89
O4D NAP B . 1.94 1.78 -6.37
C3D NAP B . 2.64 3.91 -7.07
O3D NAP B . 2.21 4.13 -8.41
C2D NAP B . 1.46 4.07 -6.16
O2D NAP B . 0.54 5.02 -6.63
C1D NAP B . 0.84 2.69 -6.26
N1N NAP B . 0.03 2.23 -5.14
C2N NAP B . -1.17 1.65 -5.43
C3N NAP B . -1.96 1.16 -4.40
C7N NAP B . -3.19 0.35 -4.72
O7N NAP B . -4.10 0.12 -3.70
N7N NAP B . -3.37 -0.15 -5.94
C4N NAP B . -1.50 1.25 -3.09
C5N NAP B . -0.25 1.82 -2.82
C6N NAP B . 0.51 2.30 -3.87
P2B NAP B . 13.08 5.82 -8.62
O1X NAP B . 12.87 6.29 -7.24
O2X NAP B . 12.44 6.79 -9.58
O3X NAP B . 14.51 5.52 -8.94
ZN ZN C . -0.80 2.96 2.08
#